data_5NHS
#
_entry.id   5NHS
#
_cell.length_a   123.295
_cell.length_b   76.404
_cell.length_c   66.641
_cell.angle_alpha   90.00
_cell.angle_beta   90.00
_cell.angle_gamma   90.00
#
_symmetry.space_group_name_H-M   'P 21 21 2'
#
loop_
_entity.id
_entity.type
_entity.pdbx_description
1 polymer 'Bifunctional protein FolD'
2 non-polymer 1,2-ETHANEDIOL
3 water water
#
_entity_poly.entity_id   1
_entity_poly.type   'polypeptide(L)'
_entity_poly.pdbx_seq_one_letter_code
;MTDSAPVSPVPARILDGRRIAEDLLDELKTRVDARLAAGQPRPGLAVVLVGGDPASTVYVRNKRRAAEKVGIEAFDYDLP
AGTGEAELLSLIDQLNADPKIHGILVQLPLPGIADASRLIHRIDPRKDVDGFHPQNVGHLALREFGLRPCTPRGIVTLLA
HTDQPVRGRNATIVGVSNHVGRPMALELLIAGCTVS(CSO)CHKFTPADVLQTHVRDADILVVAVGRPGLIPGDWVKPGA
VVIDVGINRLDDGRLVGDVGFEAAAQRASWITPVPGGVGPMTVATLMQNTIEAADAALRR
;
_entity_poly.pdbx_strand_id   A,B
#
# COMPACT_ATOMS: atom_id res chain seq x y z
N VAL A 10 14.71 -28.83 -1.52
CA VAL A 10 15.23 -27.93 -2.59
C VAL A 10 16.77 -27.74 -2.33
N PRO A 11 17.66 -27.89 -3.33
CA PRO A 11 19.05 -27.57 -2.92
C PRO A 11 19.26 -26.10 -2.45
N ALA A 12 18.35 -25.17 -2.76
CA ALA A 12 18.51 -23.77 -2.32
C ALA A 12 18.17 -23.65 -0.86
N ARG A 13 18.91 -22.84 -0.13
CA ARG A 13 18.62 -22.62 1.28
C ARG A 13 17.53 -21.57 1.40
N ILE A 14 16.83 -21.59 2.53
CA ILE A 14 15.70 -20.76 2.75
C ILE A 14 16.15 -19.47 3.41
N LEU A 15 15.93 -18.36 2.67
CA LEU A 15 16.21 -17.03 3.19
C LEU A 15 14.93 -16.49 3.68
N ASP A 16 14.71 -16.58 5.00
CA ASP A 16 13.44 -16.20 5.63
C ASP A 16 13.62 -15.10 6.67
N GLY A 17 12.54 -14.74 7.33
CA GLY A 17 12.60 -13.67 8.31
C GLY A 17 13.28 -13.99 9.65
N ARG A 18 13.76 -15.20 9.85
CA ARG A 18 14.02 -15.66 11.23
C ARG A 18 15.18 -14.87 11.92
N ARG A 19 16.30 -14.76 11.23
CA ARG A 19 17.47 -14.12 11.78
C ARG A 19 17.29 -12.59 11.82
N ILE A 20 16.72 -11.97 10.79
CA ILE A 20 16.45 -10.54 10.92
C ILE A 20 15.46 -10.24 12.09
N ALA A 21 14.61 -11.21 12.40
CA ALA A 21 13.61 -11.01 13.49
C ALA A 21 14.33 -11.06 14.81
N GLU A 22 15.13 -12.08 14.96
CA GLU A 22 15.96 -12.25 16.19
C GLU A 22 16.77 -11.03 16.46
N ASP A 23 17.37 -10.46 15.41
CA ASP A 23 18.15 -9.21 15.57
C ASP A 23 17.30 -8.08 16.03
N LEU A 24 16.12 -7.92 15.45
CA LEU A 24 15.24 -6.85 15.85
C LEU A 24 14.74 -7.02 17.33
N LEU A 25 14.29 -8.21 17.69
CA LEU A 25 13.94 -8.50 19.09
C LEU A 25 15.15 -8.11 20.09
N ASP A 26 16.36 -8.47 19.76
CA ASP A 26 17.54 -8.01 20.59
C ASP A 26 17.58 -6.50 20.74
N GLU A 27 17.46 -5.78 19.63
CA GLU A 27 17.44 -4.30 19.63
C GLU A 27 16.26 -3.79 20.46
N LEU A 28 15.08 -4.41 20.31
CA LEU A 28 13.92 -3.99 21.09
C LEU A 28 14.11 -4.26 22.57
N LYS A 29 14.72 -5.37 22.94
CA LYS A 29 14.98 -5.64 24.36
C LYS A 29 15.90 -4.51 25.01
N THR A 30 16.87 -4.08 24.24
CA THR A 30 17.77 -2.94 24.64
C THR A 30 16.91 -1.71 24.90
N ARG A 31 15.93 -1.43 24.00
CA ARG A 31 15.08 -0.26 24.24
C ARG A 31 14.22 -0.34 25.46
N VAL A 32 13.62 -1.51 25.70
CA VAL A 32 12.79 -1.68 26.88
C VAL A 32 13.68 -1.55 28.12
N ASP A 33 14.85 -2.12 28.09
CA ASP A 33 15.80 -1.93 29.24
C ASP A 33 16.15 -0.46 29.48
N ALA A 34 16.38 0.31 28.41
CA ALA A 34 16.68 1.74 28.58
C ALA A 34 15.47 2.45 29.15
N ARG A 35 14.25 2.06 28.78
CA ARG A 35 13.05 2.66 29.39
C ARG A 35 12.97 2.36 30.88
N LEU A 36 13.17 1.10 31.24
CA LEU A 36 13.13 0.74 32.64
C LEU A 36 14.31 1.41 33.37
N ALA A 37 15.50 1.50 32.79
CA ALA A 37 16.60 2.31 33.41
C ALA A 37 16.15 3.75 33.64
N ALA A 38 15.29 4.31 32.78
CA ALA A 38 14.80 5.71 32.97
C ALA A 38 13.55 5.83 33.79
N GLY A 39 13.20 4.83 34.58
CA GLY A 39 12.02 4.91 35.41
C GLY A 39 10.72 4.74 34.64
N GLN A 40 10.74 4.50 33.33
CA GLN A 40 9.44 4.33 32.60
C GLN A 40 8.79 2.96 32.81
N PRO A 41 7.45 2.86 32.66
CA PRO A 41 6.82 1.49 32.75
C PRO A 41 7.35 0.49 31.65
N ARG A 42 7.25 -0.76 31.93
CA ARG A 42 7.36 -1.78 30.94
C ARG A 42 6.13 -1.71 29.97
N PRO A 43 6.33 -1.82 28.67
CA PRO A 43 5.18 -1.78 27.79
C PRO A 43 4.28 -3.00 27.97
N GLY A 44 2.98 -2.80 27.90
CA GLY A 44 2.03 -3.93 27.99
C GLY A 44 1.32 -4.10 26.64
N LEU A 45 1.18 -5.36 26.25
CA LEU A 45 0.52 -5.79 25.07
C LEU A 45 -0.58 -6.73 25.43
N ALA A 46 -1.79 -6.36 25.07
CA ALA A 46 -2.93 -7.32 25.18
C ALA A 46 -3.04 -8.08 23.86
N VAL A 47 -3.04 -9.40 23.92
CA VAL A 47 -3.31 -10.22 22.79
C VAL A 47 -4.57 -11.07 23.03
N VAL A 48 -5.58 -10.80 22.24
CA VAL A 48 -6.84 -11.50 22.30
C VAL A 48 -7.01 -12.65 21.26
N LEU A 49 -7.33 -13.82 21.74
CA LEU A 49 -7.60 -14.94 20.87
C LEU A 49 -9.01 -15.42 21.21
N VAL A 50 -9.80 -15.68 20.19
CA VAL A 50 -11.16 -16.18 20.37
C VAL A 50 -11.20 -17.52 19.70
N GLY A 51 -11.46 -18.51 20.53
CA GLY A 51 -11.67 -19.86 19.99
C GLY A 51 -10.36 -20.58 19.98
N GLY A 52 -10.35 -21.70 19.30
CA GLY A 52 -9.21 -22.61 19.30
C GLY A 52 -8.77 -23.00 17.91
N ASP A 53 -8.90 -22.17 16.88
CA ASP A 53 -8.32 -22.51 15.60
C ASP A 53 -6.74 -22.83 15.76
N PRO A 54 -6.26 -24.00 15.28
CA PRO A 54 -4.85 -24.34 15.51
C PRO A 54 -3.85 -23.30 15.01
N ALA A 55 -3.98 -22.83 13.78
CA ALA A 55 -3.05 -21.85 13.26
C ALA A 55 -3.05 -20.56 14.10
N SER A 56 -4.24 -20.09 14.44
CA SER A 56 -4.38 -18.88 15.27
C SER A 56 -3.73 -19.01 16.64
N THR A 57 -3.89 -20.17 17.24
CA THR A 57 -3.33 -20.48 18.55
C THR A 57 -1.76 -20.35 18.46
N VAL A 58 -1.18 -20.88 17.41
CA VAL A 58 0.22 -20.80 17.12
C VAL A 58 0.67 -19.40 16.92
N TYR A 59 -0.10 -18.66 16.10
CA TYR A 59 0.25 -17.26 15.86
C TYR A 59 0.26 -16.44 17.15
N VAL A 60 -0.75 -16.67 17.97
CA VAL A 60 -0.85 -15.96 19.21
C VAL A 60 0.28 -16.36 20.22
N ARG A 61 0.59 -17.62 20.30
CA ARG A 61 1.72 -18.08 21.06
C ARG A 61 3.09 -17.43 20.59
N ASN A 62 3.35 -17.40 19.30
CA ASN A 62 4.49 -16.68 18.76
C ASN A 62 4.49 -15.22 19.18
N LYS A 63 3.34 -14.56 19.20
CA LYS A 63 3.31 -13.17 19.63
C LYS A 63 3.64 -12.97 21.08
N ARG A 64 3.10 -13.82 21.92
CA ARG A 64 3.30 -13.71 23.34
C ARG A 64 4.74 -14.05 23.67
N ARG A 65 5.32 -15.03 22.97
CA ARG A 65 6.66 -15.41 23.20
C ARG A 65 7.62 -14.31 22.74
N ALA A 66 7.37 -13.65 21.61
CA ALA A 66 8.15 -12.50 21.17
C ALA A 66 8.13 -11.38 22.21
N ALA A 67 6.94 -11.09 22.69
CA ALA A 67 6.72 -10.11 23.71
C ALA A 67 7.58 -10.41 24.94
N GLU A 68 7.57 -11.66 25.40
CA GLU A 68 8.33 -11.97 26.61
C GLU A 68 9.82 -11.87 26.37
N LYS A 69 10.28 -12.31 25.21
CA LYS A 69 11.66 -12.18 24.79
C LYS A 69 12.15 -10.69 24.84
N VAL A 70 11.32 -9.74 24.41
CA VAL A 70 11.68 -8.31 24.46
C VAL A 70 11.54 -7.67 25.86
N GLY A 71 10.79 -8.33 26.73
CA GLY A 71 10.37 -7.73 27.99
C GLY A 71 9.12 -6.89 28.00
N ILE A 72 8.22 -7.08 27.01
CA ILE A 72 6.93 -6.46 27.01
C ILE A 72 6.11 -7.41 27.88
N GLU A 73 5.23 -6.88 28.74
CA GLU A 73 4.33 -7.71 29.51
C GLU A 73 3.14 -8.05 28.65
N ALA A 74 2.93 -9.34 28.45
CA ALA A 74 1.86 -9.79 27.50
C ALA A 74 0.68 -10.14 28.43
N PHE A 75 -0.49 -9.52 28.25
CA PHE A 75 -1.70 -9.82 28.94
C PHE A 75 -2.61 -10.63 28.01
N ASP A 76 -2.85 -11.88 28.39
CA ASP A 76 -3.47 -12.90 27.58
C ASP A 76 -4.97 -12.95 27.80
N TYR A 77 -5.77 -12.88 26.74
CA TYR A 77 -7.20 -13.07 26.84
C TYR A 77 -7.54 -14.15 25.85
N ASP A 78 -7.80 -15.37 26.29
CA ASP A 78 -8.21 -16.44 25.42
C ASP A 78 -9.71 -16.64 25.69
N LEU A 79 -10.58 -16.44 24.73
CA LEU A 79 -12.03 -16.41 24.93
C LEU A 79 -12.67 -17.59 24.17
N PRO A 80 -13.80 -18.07 24.63
CA PRO A 80 -14.39 -19.20 23.94
C PRO A 80 -14.93 -18.83 22.59
N ALA A 81 -14.85 -19.75 21.65
CA ALA A 81 -15.62 -19.64 20.40
C ALA A 81 -17.11 -19.45 20.74
N GLY A 82 -17.74 -18.58 20.01
CA GLY A 82 -19.14 -18.28 20.25
C GLY A 82 -19.24 -17.00 21.06
N THR A 83 -18.12 -16.43 21.53
CA THR A 83 -18.16 -15.18 22.20
C THR A 83 -18.65 -14.16 21.18
N GLY A 84 -19.60 -13.33 21.57
CA GLY A 84 -20.20 -12.38 20.64
C GLY A 84 -19.44 -11.04 20.58
N GLU A 85 -19.77 -10.32 19.52
CA GLU A 85 -19.33 -8.97 19.32
C GLU A 85 -19.45 -8.07 20.57
N ALA A 86 -20.57 -8.14 21.24
CA ALA A 86 -20.74 -7.35 22.44
C ALA A 86 -19.72 -7.56 23.50
N GLU A 87 -19.41 -8.81 23.79
CA GLU A 87 -18.44 -9.09 24.82
C GLU A 87 -17.07 -8.67 24.33
N LEU A 88 -16.76 -8.82 23.08
CA LEU A 88 -15.43 -8.34 22.52
C LEU A 88 -15.31 -6.84 22.58
N LEU A 89 -16.37 -6.10 22.27
CA LEU A 89 -16.32 -4.66 22.40
C LEU A 89 -16.09 -4.24 23.84
N SER A 90 -16.76 -4.95 24.75
CA SER A 90 -16.59 -4.67 26.18
C SER A 90 -15.14 -4.89 26.60
N LEU A 91 -14.56 -5.99 26.13
CA LEU A 91 -13.16 -6.30 26.48
C LEU A 91 -12.22 -5.18 25.93
N ILE A 92 -12.47 -4.87 24.69
CA ILE A 92 -11.69 -3.85 24.03
C ILE A 92 -11.76 -2.51 24.78
N ASP A 93 -12.99 -2.11 25.16
CA ASP A 93 -13.18 -0.91 25.93
C ASP A 93 -12.39 -1.00 27.26
N GLN A 94 -12.39 -2.16 27.90
CA GLN A 94 -11.63 -2.28 29.09
C GLN A 94 -10.05 -2.09 28.88
N LEU A 95 -9.53 -2.73 27.84
CA LEU A 95 -8.10 -2.63 27.46
C LEU A 95 -7.78 -1.16 27.07
N ASN A 96 -8.73 -0.50 26.37
CA ASN A 96 -8.54 0.87 26.00
C ASN A 96 -8.32 1.75 27.20
N ALA A 97 -9.04 1.46 28.28
CA ALA A 97 -9.02 2.25 29.44
C ALA A 97 -7.85 1.85 30.38
N ASP A 98 -7.16 0.75 30.14
CA ASP A 98 -6.19 0.33 31.11
C ASP A 98 -4.78 0.92 30.81
N PRO A 99 -4.28 1.83 31.69
CA PRO A 99 -3.02 2.55 31.37
C PRO A 99 -1.74 1.67 31.30
N LYS A 100 -1.79 0.49 31.82
CA LYS A 100 -0.68 -0.41 31.64
C LYS A 100 -0.68 -1.14 30.28
N ILE A 101 -1.76 -1.01 29.50
CA ILE A 101 -1.88 -1.64 28.20
C ILE A 101 -1.52 -0.61 27.15
N HIS A 102 -0.45 -0.84 26.38
CA HIS A 102 -0.04 0.14 25.41
C HIS A 102 -0.47 -0.22 23.99
N GLY A 103 -0.54 -1.52 23.74
CA GLY A 103 -0.94 -2.06 22.43
C GLY A 103 -2.01 -3.16 22.65
N ILE A 104 -2.89 -3.26 21.65
CA ILE A 104 -3.96 -4.27 21.62
C ILE A 104 -3.94 -4.91 20.28
N LEU A 105 -3.77 -6.22 20.27
CA LEU A 105 -3.90 -7.01 19.09
C LEU A 105 -5.07 -8.00 19.30
N VAL A 106 -5.94 -8.07 18.33
CA VAL A 106 -6.96 -9.06 18.25
C VAL A 106 -6.65 -10.10 17.12
N GLN A 107 -6.47 -11.35 17.43
CA GLN A 107 -6.10 -12.32 16.41
C GLN A 107 -7.34 -12.64 15.52
N LEU A 108 -7.14 -12.61 14.21
CA LEU A 108 -8.14 -12.85 13.17
C LEU A 108 -7.84 -14.18 12.49
N PRO A 109 -8.83 -14.96 12.06
CA PRO A 109 -10.24 -14.58 12.02
C PRO A 109 -10.95 -14.94 13.33
N LEU A 110 -12.05 -14.24 13.58
CA LEU A 110 -12.85 -14.48 14.75
C LEU A 110 -13.94 -15.46 14.31
N PRO A 111 -14.10 -16.58 15.05
CA PRO A 111 -15.14 -17.53 14.69
C PRO A 111 -16.55 -16.89 14.75
N GLY A 112 -17.24 -16.90 13.64
CA GLY A 112 -18.62 -16.41 13.60
C GLY A 112 -18.77 -14.93 13.38
N ILE A 113 -17.68 -14.21 13.27
CA ILE A 113 -17.72 -12.77 13.03
C ILE A 113 -16.91 -12.53 11.78
N ALA A 114 -17.54 -12.65 10.63
CA ALA A 114 -16.87 -12.51 9.32
C ALA A 114 -16.24 -11.14 9.13
N ASP A 115 -16.97 -10.09 9.48
CA ASP A 115 -16.48 -8.74 9.45
C ASP A 115 -16.02 -8.22 10.82
N ALA A 116 -14.72 -8.15 10.99
CA ALA A 116 -14.14 -7.73 12.24
C ALA A 116 -13.97 -6.19 12.36
N SER A 117 -14.34 -5.43 11.31
CA SER A 117 -14.20 -3.98 11.27
C SER A 117 -14.66 -3.22 12.45
N ARG A 118 -15.85 -3.53 12.96
CA ARG A 118 -16.36 -2.74 14.08
C ARG A 118 -15.51 -2.93 15.34
N LEU A 119 -14.90 -4.10 15.49
CA LEU A 119 -14.06 -4.42 16.67
C LEU A 119 -12.72 -3.77 16.49
N ILE A 120 -12.14 -3.91 15.31
CA ILE A 120 -10.84 -3.31 15.05
C ILE A 120 -10.93 -1.80 15.22
N HIS A 121 -11.99 -1.18 14.70
CA HIS A 121 -12.17 0.26 14.84
C HIS A 121 -12.43 0.67 16.26
N ARG A 122 -12.90 -0.20 17.15
CA ARG A 122 -13.08 0.21 18.51
C ARG A 122 -11.70 0.34 19.26
N ILE A 123 -10.66 -0.32 18.77
CA ILE A 123 -9.33 -0.25 19.44
C ILE A 123 -8.90 1.23 19.39
N ASP A 124 -8.51 1.78 20.53
CA ASP A 124 -8.02 3.19 20.65
C ASP A 124 -6.84 3.25 19.62
N PRO A 125 -6.90 4.23 18.72
CA PRO A 125 -5.84 4.37 17.75
C PRO A 125 -4.40 4.47 18.34
N ARG A 126 -4.28 4.96 19.54
CA ARG A 126 -2.98 5.07 20.15
C ARG A 126 -2.53 3.74 20.65
N LYS A 127 -3.42 2.74 20.73
CA LYS A 127 -3.00 1.37 21.04
C LYS A 127 -3.07 0.38 19.86
N ASP A 128 -3.29 0.84 18.68
CA ASP A 128 -3.56 -0.02 17.53
C ASP A 128 -2.26 -0.37 16.85
N VAL A 129 -1.63 -1.41 17.35
CA VAL A 129 -0.25 -1.63 16.98
C VAL A 129 -0.15 -2.55 15.80
N ASP A 130 -1.25 -3.10 15.35
CA ASP A 130 -1.18 -3.85 14.10
C ASP A 130 -1.42 -2.87 13.00
N GLY A 131 -2.67 -2.40 12.90
CA GLY A 131 -3.01 -1.30 11.98
C GLY A 131 -2.79 -1.60 10.52
N GLY A 138 -2.16 -5.93 1.11
CA GLY A 138 -0.75 -6.30 0.90
C GLY A 138 -0.63 -7.35 -0.18
N HIS A 139 -0.39 -6.86 -1.40
CA HIS A 139 0.14 -7.68 -2.50
C HIS A 139 1.68 -7.94 -2.40
N LEU A 140 2.40 -7.22 -1.47
CA LEU A 140 3.86 -7.40 -1.28
C LEU A 140 4.20 -7.75 0.15
N ALA A 141 5.07 -8.71 0.35
CA ALA A 141 5.49 -9.13 1.73
C ALA A 141 6.70 -8.30 2.20
N LEU A 142 6.58 -6.99 2.22
CA LEU A 142 7.69 -6.15 2.56
C LEU A 142 8.09 -6.24 4.05
N ARG A 143 7.06 -6.18 4.89
CA ARG A 143 7.23 -6.25 6.34
C ARG A 143 7.96 -7.52 6.81
N GLU A 144 7.57 -8.66 6.25
CA GLU A 144 8.17 -9.93 6.56
C GLU A 144 9.64 -10.05 6.21
N PHE A 145 10.11 -9.26 5.23
CA PHE A 145 11.51 -9.29 4.89
C PHE A 145 12.30 -8.05 5.32
N GLY A 146 11.67 -7.14 6.06
CA GLY A 146 12.36 -5.87 6.47
C GLY A 146 12.62 -4.94 5.31
N LEU A 147 11.79 -5.01 4.28
CA LEU A 147 12.02 -4.27 3.04
C LEU A 147 10.94 -3.19 2.78
N ARG A 148 10.31 -2.67 3.85
CA ARG A 148 9.50 -1.47 3.66
C ARG A 148 10.41 -0.31 3.37
N PRO A 149 9.91 0.66 2.59
CA PRO A 149 10.75 1.81 2.15
C PRO A 149 11.32 2.61 3.35
N CYS A 150 10.50 2.76 4.40
CA CYS A 150 10.92 3.31 5.70
C CYS A 150 12.09 2.58 6.40
N THR A 151 12.46 1.35 5.98
CA THR A 151 13.73 0.67 6.45
C THR A 151 14.65 0.37 5.23
N PRO A 152 15.20 1.46 4.66
CA PRO A 152 15.98 1.35 3.42
C PRO A 152 17.22 0.50 3.53
N ARG A 153 17.72 0.22 4.76
CA ARG A 153 18.94 -0.62 4.88
C ARG A 153 18.50 -2.14 4.78
N GLY A 154 17.21 -2.43 4.77
CA GLY A 154 16.77 -3.76 4.78
C GLY A 154 17.34 -4.81 3.87
N ILE A 155 17.58 -4.49 2.65
CA ILE A 155 18.02 -5.50 1.68
C ILE A 155 19.46 -5.96 2.03
N VAL A 156 20.33 -5.10 2.48
CA VAL A 156 21.66 -5.50 2.89
C VAL A 156 21.70 -6.38 4.16
N THR A 157 20.88 -6.06 5.15
CA THR A 157 20.72 -6.85 6.35
C THR A 157 20.28 -8.25 5.93
N LEU A 158 19.26 -8.35 5.06
CA LEU A 158 18.76 -9.63 4.64
C LEU A 158 19.87 -10.45 3.97
N LEU A 159 20.57 -9.83 3.03
CA LEU A 159 21.64 -10.51 2.31
C LEU A 159 22.82 -10.86 3.22
N ALA A 160 23.00 -10.15 4.33
CA ALA A 160 24.13 -10.47 5.22
C ALA A 160 23.84 -11.84 5.92
N HIS A 161 22.59 -12.35 5.88
CA HIS A 161 22.28 -13.59 6.50
C HIS A 161 22.33 -14.73 5.51
N THR A 162 22.76 -14.45 4.28
CA THR A 162 23.27 -15.47 3.38
C THR A 162 24.80 -15.59 3.52
N ASP A 163 25.35 -16.53 2.74
CA ASP A 163 26.80 -16.65 2.71
C ASP A 163 27.26 -16.18 1.32
N GLN A 164 26.54 -15.28 0.68
CA GLN A 164 26.83 -14.94 -0.69
C GLN A 164 27.41 -13.55 -0.74
N PRO A 165 28.34 -13.34 -1.65
CA PRO A 165 28.95 -12.01 -1.81
C PRO A 165 27.97 -11.00 -2.39
N VAL A 166 28.16 -9.73 -2.03
CA VAL A 166 27.34 -8.61 -2.52
C VAL A 166 28.12 -7.69 -3.46
N ARG A 167 29.32 -7.30 -3.02
CA ARG A 167 30.09 -6.30 -3.70
C ARG A 167 30.54 -6.87 -5.02
N GLY A 168 30.51 -6.12 -6.11
CA GLY A 168 30.90 -6.67 -7.44
C GLY A 168 29.86 -7.60 -8.13
N ARG A 169 28.76 -7.89 -7.49
CA ARG A 169 27.77 -8.81 -8.08
C ARG A 169 26.68 -8.01 -8.81
N ASN A 170 25.97 -8.70 -9.68
CA ASN A 170 24.89 -8.15 -10.47
C ASN A 170 23.61 -8.30 -9.73
N ALA A 171 22.88 -7.22 -9.57
CA ALA A 171 21.59 -7.23 -8.93
C ALA A 171 20.59 -6.75 -9.90
N THR A 172 19.42 -7.39 -9.91
CA THR A 172 18.31 -6.85 -10.68
C THR A 172 17.11 -6.67 -9.75
N ILE A 173 16.43 -5.56 -9.85
CA ILE A 173 15.28 -5.29 -9.06
C ILE A 173 14.13 -5.18 -10.10
N VAL A 174 13.07 -5.95 -9.86
CA VAL A 174 11.85 -5.97 -10.64
C VAL A 174 10.73 -5.48 -9.73
N GLY A 175 10.19 -4.32 -10.06
CA GLY A 175 9.32 -3.54 -9.22
C GLY A 175 8.15 -3.01 -10.01
N VAL A 176 7.05 -2.83 -9.31
CA VAL A 176 5.82 -2.31 -9.92
C VAL A 176 5.87 -0.82 -9.70
N SER A 177 6.36 -0.37 -8.56
CA SER A 177 6.60 1.04 -8.33
C SER A 177 8.10 1.32 -8.11
N ASN A 178 8.60 2.29 -8.92
CA ASN A 178 9.84 3.09 -8.66
C ASN A 178 9.94 3.40 -7.17
N HIS A 179 8.86 3.76 -6.55
CA HIS A 179 8.90 4.00 -5.11
C HIS A 179 9.36 2.90 -4.07
N VAL A 180 9.04 1.64 -4.32
CA VAL A 180 9.51 0.57 -3.40
C VAL A 180 10.91 0.08 -3.78
N GLY A 181 11.19 0.08 -5.09
CA GLY A 181 12.50 -0.39 -5.62
C GLY A 181 13.68 0.53 -5.36
N ARG A 182 13.40 1.80 -5.42
CA ARG A 182 14.41 2.85 -5.31
C ARG A 182 15.31 2.75 -4.08
N PRO A 183 14.80 2.62 -2.86
CA PRO A 183 15.73 2.47 -1.71
C PRO A 183 16.53 1.18 -1.67
N MET A 184 16.00 0.12 -2.24
CA MET A 184 16.76 -1.13 -2.38
C MET A 184 17.82 -1.06 -3.46
N ALA A 185 17.47 -0.48 -4.60
CA ALA A 185 18.45 -0.22 -5.68
C ALA A 185 19.62 0.60 -5.18
N LEU A 186 19.32 1.62 -4.43
CA LEU A 186 20.27 2.49 -3.88
C LEU A 186 21.21 1.83 -2.89
N GLU A 187 20.66 1.07 -1.94
CA GLU A 187 21.49 0.42 -0.95
C GLU A 187 22.36 -0.62 -1.65
N LEU A 188 21.85 -1.29 -2.68
CA LEU A 188 22.72 -2.21 -3.41
C LEU A 188 23.79 -1.52 -4.21
N LEU A 189 23.53 -0.32 -4.70
CA LEU A 189 24.57 0.42 -5.36
C LEU A 189 25.70 0.76 -4.37
N ILE A 190 25.30 1.26 -3.21
CA ILE A 190 26.27 1.63 -2.17
C ILE A 190 27.04 0.38 -1.66
N ALA A 191 26.40 -0.78 -1.59
CA ALA A 191 27.05 -2.05 -1.26
C ALA A 191 27.95 -2.54 -2.37
N GLY A 192 28.06 -1.82 -3.52
CA GLY A 192 28.96 -2.22 -4.57
C GLY A 192 28.42 -3.12 -5.66
N CYS A 193 27.08 -3.31 -5.71
CA CYS A 193 26.48 -4.09 -6.79
C CYS A 193 26.34 -3.30 -8.05
N THR A 194 26.39 -3.97 -9.17
CA THR A 194 25.98 -3.45 -10.44
C THR A 194 24.45 -3.72 -10.59
N VAL A 195 23.68 -2.64 -10.67
CA VAL A 195 22.28 -2.74 -10.51
C VAL A 195 21.52 -2.38 -11.78
N SER A 196 20.42 -3.12 -11.99
CA SER A 196 19.40 -2.84 -13.08
C SER A 196 18.02 -2.86 -12.42
N CYS A 198 14.08 -3.11 -13.41
CA CYS A 198 13.05 -3.40 -14.44
C CYS A 198 11.69 -3.18 -13.83
N HIS A 199 10.77 -2.66 -14.60
CA HIS A 199 9.44 -2.28 -14.20
C HIS A 199 8.58 -3.42 -14.71
N LYS A 200 7.41 -3.58 -14.14
CA LYS A 200 6.36 -4.50 -14.68
C LYS A 200 6.18 -4.37 -16.20
N PHE A 201 6.28 -3.14 -16.73
CA PHE A 201 6.21 -2.95 -18.18
C PHE A 201 7.44 -3.23 -19.01
N THR A 202 8.56 -3.64 -18.39
CA THR A 202 9.73 -3.95 -19.15
C THR A 202 9.38 -5.11 -20.12
N PRO A 203 9.78 -5.01 -21.39
CA PRO A 203 9.48 -6.09 -22.30
C PRO A 203 10.01 -7.45 -21.79
N ALA A 204 9.25 -8.51 -22.06
CA ALA A 204 9.52 -9.84 -21.49
C ALA A 204 10.91 -10.33 -21.88
N ASP A 205 11.33 -10.11 -23.12
CA ASP A 205 12.70 -10.54 -23.51
C ASP A 205 13.87 -9.80 -22.75
N VAL A 206 13.65 -8.51 -22.48
CA VAL A 206 14.61 -7.70 -21.77
C VAL A 206 14.62 -8.14 -20.33
N LEU A 207 13.45 -8.41 -19.79
CA LEU A 207 13.30 -8.85 -18.43
C LEU A 207 14.07 -10.12 -18.23
N GLN A 208 13.85 -11.03 -19.15
CA GLN A 208 14.51 -12.34 -19.15
C GLN A 208 16.05 -12.20 -19.16
N THR A 209 16.55 -11.36 -20.05
CA THR A 209 17.94 -11.11 -20.08
C THR A 209 18.48 -10.63 -18.73
N HIS A 210 17.80 -9.67 -18.10
CA HIS A 210 18.31 -9.14 -16.83
C HIS A 210 18.15 -10.13 -15.69
N VAL A 211 17.11 -10.96 -15.70
CA VAL A 211 17.04 -11.98 -14.67
C VAL A 211 18.16 -13.00 -14.81
N ARG A 212 18.46 -13.40 -16.06
CA ARG A 212 19.45 -14.43 -16.32
C ARG A 212 20.86 -13.98 -15.86
N ASP A 213 21.11 -12.69 -15.84
CA ASP A 213 22.42 -12.10 -15.40
C ASP A 213 22.54 -11.84 -13.93
N ALA A 214 21.45 -12.02 -13.19
CA ALA A 214 21.42 -11.55 -11.81
C ALA A 214 21.83 -12.57 -10.79
N ASP A 215 22.93 -12.25 -10.08
CA ASP A 215 23.29 -12.98 -8.88
C ASP A 215 22.39 -12.65 -7.70
N ILE A 216 21.79 -11.45 -7.71
CA ILE A 216 20.88 -11.04 -6.66
C ILE A 216 19.64 -10.59 -7.38
N LEU A 217 18.50 -11.26 -7.11
CA LEU A 217 17.23 -10.96 -7.78
C LEU A 217 16.19 -10.57 -6.76
N VAL A 218 15.65 -9.37 -6.85
CA VAL A 218 14.63 -8.86 -5.95
C VAL A 218 13.41 -8.60 -6.78
N VAL A 219 12.28 -9.28 -6.48
CA VAL A 219 11.05 -9.15 -7.26
C VAL A 219 9.89 -8.70 -6.34
N ALA A 220 9.30 -7.59 -6.70
CA ALA A 220 8.31 -6.90 -5.88
C ALA A 220 7.20 -6.37 -6.83
N VAL A 221 6.49 -7.24 -7.51
CA VAL A 221 5.48 -6.82 -8.46
C VAL A 221 4.05 -7.20 -8.06
N GLY A 222 3.88 -8.35 -7.46
CA GLY A 222 2.57 -8.87 -7.23
C GLY A 222 1.84 -9.33 -8.50
N ARG A 223 2.43 -10.20 -9.26
CA ARG A 223 1.84 -10.81 -10.38
C ARG A 223 2.37 -12.17 -10.50
N PRO A 224 1.48 -13.19 -10.51
CA PRO A 224 1.95 -14.55 -10.43
C PRO A 224 2.45 -14.90 -11.77
N GLY A 225 3.45 -15.76 -11.82
CA GLY A 225 3.96 -16.15 -13.10
C GLY A 225 4.84 -15.08 -13.76
N LEU A 226 5.11 -13.95 -13.13
CA LEU A 226 5.94 -12.92 -13.89
C LEU A 226 7.31 -13.46 -14.30
N ILE A 227 7.91 -14.20 -13.42
CA ILE A 227 9.29 -14.65 -13.66
C ILE A 227 9.34 -16.15 -13.56
N PRO A 228 9.40 -16.83 -14.70
CA PRO A 228 9.56 -18.28 -14.65
C PRO A 228 10.88 -18.63 -13.92
N GLY A 229 10.79 -19.64 -13.07
CA GLY A 229 11.85 -20.06 -12.26
C GLY A 229 13.13 -20.48 -12.93
N ASP A 230 13.02 -20.92 -14.18
CA ASP A 230 14.17 -21.36 -14.92
C ASP A 230 14.99 -20.20 -15.46
N TRP A 231 14.47 -18.98 -15.36
CA TRP A 231 15.26 -17.82 -15.72
C TRP A 231 16.35 -17.53 -14.68
N VAL A 232 16.18 -18.02 -13.46
CA VAL A 232 17.03 -17.65 -12.35
C VAL A 232 18.44 -18.13 -12.54
N LYS A 233 19.41 -17.25 -12.35
CA LYS A 233 20.81 -17.59 -12.55
C LYS A 233 21.26 -18.58 -11.59
N PRO A 234 22.01 -19.58 -12.04
CA PRO A 234 22.53 -20.53 -11.00
C PRO A 234 23.35 -19.84 -9.89
N GLY A 235 23.04 -20.15 -8.63
CA GLY A 235 23.74 -19.53 -7.50
C GLY A 235 23.17 -18.22 -7.00
N ALA A 236 22.13 -17.68 -7.69
CA ALA A 236 21.50 -16.46 -7.32
C ALA A 236 20.87 -16.47 -6.00
N VAL A 237 20.90 -15.30 -5.34
CA VAL A 237 19.99 -15.03 -4.23
C VAL A 237 18.66 -14.47 -4.76
N VAL A 238 17.59 -15.21 -4.54
CA VAL A 238 16.22 -14.79 -5.01
C VAL A 238 15.37 -14.32 -3.83
N ILE A 239 14.98 -13.05 -3.86
CA ILE A 239 14.15 -12.41 -2.89
C ILE A 239 12.89 -12.02 -3.61
N ASP A 240 11.86 -12.82 -3.40
CA ASP A 240 10.56 -12.71 -4.12
C ASP A 240 9.53 -12.33 -3.11
N VAL A 241 9.10 -11.07 -3.12
CA VAL A 241 8.12 -10.67 -2.13
C VAL A 241 6.71 -10.52 -2.65
N GLY A 242 6.41 -11.00 -3.86
CA GLY A 242 4.99 -10.94 -4.27
C GLY A 242 4.12 -11.87 -3.44
N ILE A 243 2.87 -11.50 -3.22
CA ILE A 243 1.92 -12.39 -2.60
C ILE A 243 0.70 -12.47 -3.48
N ASN A 244 0.53 -13.52 -4.26
CA ASN A 244 -0.55 -13.55 -5.20
C ASN A 244 -1.47 -14.70 -4.77
N ARG A 245 -2.74 -14.38 -4.61
CA ARG A 245 -3.82 -15.35 -4.28
C ARG A 245 -4.42 -15.85 -5.52
N LEU A 246 -4.18 -17.11 -5.82
CA LEU A 246 -4.71 -17.67 -7.02
C LEU A 246 -6.19 -18.12 -6.88
N ASP A 247 -6.73 -18.42 -8.03
CA ASP A 247 -8.05 -18.94 -8.27
C ASP A 247 -8.53 -19.89 -7.15
N ASP A 248 -7.68 -20.88 -6.86
CA ASP A 248 -7.95 -21.95 -5.92
C ASP A 248 -7.64 -21.70 -4.45
N GLY A 249 -7.37 -20.47 -4.04
CA GLY A 249 -6.98 -20.21 -2.63
C GLY A 249 -5.45 -20.13 -2.37
N ARG A 250 -4.65 -20.81 -3.18
CA ARG A 250 -3.25 -20.90 -2.90
C ARG A 250 -2.48 -19.53 -3.01
N LEU A 251 -1.34 -19.43 -2.33
CA LEU A 251 -0.45 -18.26 -2.37
C LEU A 251 0.81 -18.62 -3.10
N VAL A 252 1.17 -17.79 -4.08
CA VAL A 252 2.46 -17.88 -4.73
C VAL A 252 3.10 -16.49 -4.79
N GLY A 253 4.42 -16.50 -4.96
CA GLY A 253 5.20 -15.27 -5.24
C GLY A 253 5.12 -14.88 -6.69
N ASP A 254 5.96 -13.90 -7.13
CA ASP A 254 6.02 -13.55 -8.54
C ASP A 254 6.94 -14.43 -9.31
N VAL A 255 7.74 -15.24 -8.62
CA VAL A 255 8.71 -16.11 -9.21
C VAL A 255 8.25 -17.61 -9.15
N GLY A 256 8.49 -18.42 -10.20
CA GLY A 256 8.10 -19.86 -10.13
C GLY A 256 9.03 -20.53 -9.14
N PHE A 257 8.53 -20.76 -7.94
CA PHE A 257 9.36 -21.26 -6.85
C PHE A 257 10.02 -22.61 -7.07
N GLU A 258 9.32 -23.68 -7.56
CA GLU A 258 9.96 -25.03 -7.65
C GLU A 258 11.18 -24.95 -8.61
N ALA A 259 10.98 -24.37 -9.79
CA ALA A 259 12.08 -24.24 -10.75
C ALA A 259 13.25 -23.35 -10.22
N ALA A 260 12.92 -22.22 -9.57
CA ALA A 260 13.86 -21.32 -8.98
C ALA A 260 14.69 -21.96 -7.86
N ALA A 261 14.05 -22.80 -7.09
CA ALA A 261 14.70 -23.38 -5.95
C ALA A 261 15.68 -24.49 -6.30
N GLN A 262 15.67 -25.00 -7.53
CA GLN A 262 16.72 -25.91 -8.03
C GLN A 262 17.98 -25.20 -8.53
N ARG A 263 17.92 -23.87 -8.70
CA ARG A 263 19.00 -23.08 -9.27
C ARG A 263 19.59 -22.09 -8.24
N ALA A 264 18.75 -21.47 -7.43
CA ALA A 264 19.21 -20.46 -6.54
C ALA A 264 20.12 -21.03 -5.41
N SER A 265 21.08 -20.27 -4.94
CA SER A 265 21.75 -20.64 -3.70
C SER A 265 20.82 -20.33 -2.51
N TRP A 266 20.14 -19.17 -2.53
CA TRP A 266 19.17 -18.87 -1.46
C TRP A 266 17.88 -18.39 -2.10
N ILE A 267 16.76 -18.76 -1.49
CA ILE A 267 15.49 -18.27 -1.93
C ILE A 267 14.54 -17.96 -0.80
N THR A 268 13.72 -16.94 -0.99
CA THR A 268 12.75 -16.64 0.06
C THR A 268 11.64 -17.71 0.01
N PRO A 269 10.97 -17.96 1.13
CA PRO A 269 9.93 -19.05 1.07
C PRO A 269 8.66 -18.53 0.35
N VAL A 270 7.86 -19.47 -0.14
CA VAL A 270 6.45 -19.26 -0.60
C VAL A 270 5.75 -18.46 0.45
N PRO A 271 5.00 -17.42 0.11
CA PRO A 271 4.36 -16.68 1.21
C PRO A 271 3.24 -17.49 1.87
N GLY A 272 2.84 -17.13 3.06
CA GLY A 272 1.94 -17.98 3.82
C GLY A 272 2.28 -17.87 5.28
N GLY A 273 1.28 -17.62 6.09
CA GLY A 273 1.47 -17.56 7.54
C GLY A 273 2.00 -16.20 7.94
N VAL A 274 2.36 -16.07 9.20
CA VAL A 274 2.80 -14.83 9.82
C VAL A 274 4.21 -15.15 10.33
N GLY A 275 5.18 -14.59 9.69
CA GLY A 275 6.50 -14.85 10.06
C GLY A 275 6.99 -14.10 11.27
N PRO A 276 8.18 -14.48 11.71
CA PRO A 276 8.81 -13.86 12.86
C PRO A 276 9.11 -12.41 12.68
N MET A 277 9.38 -11.91 11.48
CA MET A 277 9.76 -10.50 11.35
C MET A 277 8.50 -9.63 11.52
N THR A 278 7.36 -10.16 11.04
CA THR A 278 6.14 -9.44 11.21
C THR A 278 5.83 -9.32 12.68
N VAL A 279 5.97 -10.40 13.37
CA VAL A 279 5.75 -10.41 14.82
C VAL A 279 6.73 -9.43 15.52
N ALA A 280 8.00 -9.43 15.12
CA ALA A 280 8.95 -8.54 15.73
C ALA A 280 8.59 -7.09 15.49
N THR A 281 8.00 -6.80 14.34
CA THR A 281 7.64 -5.43 14.03
C THR A 281 6.44 -5.01 14.84
N LEU A 282 5.53 -5.97 15.15
CA LEU A 282 4.45 -5.70 16.09
C LEU A 282 4.97 -5.33 17.49
N MET A 283 6.01 -6.03 17.94
CA MET A 283 6.64 -5.62 19.20
C MET A 283 7.27 -4.22 19.09
N GLN A 284 7.91 -3.92 17.96
CA GLN A 284 8.46 -2.57 17.77
C GLN A 284 7.35 -1.51 17.82
N ASN A 285 6.22 -1.80 17.16
CA ASN A 285 5.06 -0.87 17.21
C ASN A 285 4.49 -0.68 18.62
N THR A 286 4.55 -1.73 19.42
CA THR A 286 4.12 -1.65 20.79
C THR A 286 4.98 -0.72 21.61
N ILE A 287 6.28 -0.84 21.40
CA ILE A 287 7.20 0.03 22.12
C ILE A 287 7.10 1.44 21.62
N GLU A 288 6.94 1.62 20.31
CA GLU A 288 6.65 3.03 19.78
C GLU A 288 5.35 3.58 20.40
N ALA A 289 4.31 2.74 20.58
CA ALA A 289 3.11 3.29 21.10
C ALA A 289 3.31 3.70 22.55
N ALA A 290 4.04 2.87 23.29
CA ALA A 290 4.29 3.17 24.70
C ALA A 290 5.16 4.42 24.77
N ASP A 291 6.12 4.56 23.90
CA ASP A 291 6.89 5.82 23.88
C ASP A 291 6.07 7.06 23.56
N ALA A 292 5.11 6.91 22.65
CA ALA A 292 4.28 8.07 22.25
C ALA A 292 3.42 8.47 23.36
N ALA A 293 2.98 7.51 24.16
CA ALA A 293 2.11 7.86 25.29
C ALA A 293 2.81 8.70 26.38
N LEU A 294 4.13 8.67 26.51
CA LEU A 294 4.81 9.56 27.49
C LEU A 294 4.80 11.06 27.18
N ARG A 295 4.22 11.48 26.06
CA ARG A 295 3.93 12.91 25.69
C ARG A 295 2.51 13.45 26.21
N ARG A 296 2.09 14.57 25.64
CA ARG A 296 1.08 15.50 26.17
C ARG A 296 1.90 16.82 26.42
N VAL B 10 -22.89 24.53 2.79
CA VAL B 10 -21.68 24.60 3.65
C VAL B 10 -20.84 25.83 3.19
N PRO B 11 -20.40 26.73 4.10
CA PRO B 11 -19.52 27.79 3.54
C PRO B 11 -18.25 27.27 2.86
N ALA B 12 -17.82 26.02 3.12
CA ALA B 12 -16.61 25.48 2.55
C ALA B 12 -16.79 25.06 1.12
N ARG B 13 -15.82 25.36 0.28
CA ARG B 13 -15.87 24.84 -1.10
C ARG B 13 -15.23 23.47 -1.14
N ILE B 14 -15.64 22.68 -2.11
CA ILE B 14 -15.02 21.44 -2.38
C ILE B 14 -13.82 21.53 -3.28
N LEU B 15 -12.76 20.97 -2.75
CA LEU B 15 -11.46 20.81 -3.44
C LEU B 15 -11.41 19.39 -3.89
N ASP B 16 -11.40 19.18 -5.20
CA ASP B 16 -11.43 17.81 -5.79
C ASP B 16 -10.38 17.62 -6.86
N GLY B 17 -10.38 16.46 -7.48
CA GLY B 17 -9.37 16.13 -8.47
C GLY B 17 -9.55 16.80 -9.87
N ARG B 18 -10.57 17.63 -10.07
CA ARG B 18 -10.90 18.02 -11.43
C ARG B 18 -9.78 18.81 -12.17
N ARG B 19 -9.20 19.79 -11.49
CA ARG B 19 -8.27 20.68 -12.12
C ARG B 19 -6.90 19.98 -12.29
N ILE B 20 -6.47 19.24 -11.29
CA ILE B 20 -5.21 18.49 -11.45
C ILE B 20 -5.36 17.43 -12.56
N ALA B 21 -6.60 16.96 -12.82
CA ALA B 21 -6.79 15.94 -13.86
C ALA B 21 -6.60 16.57 -15.22
N GLU B 22 -7.29 17.66 -15.41
CA GLU B 22 -7.23 18.45 -16.63
C GLU B 22 -5.76 18.83 -16.93
N ASP B 23 -5.02 19.26 -15.92
CA ASP B 23 -3.59 19.58 -16.15
C ASP B 23 -2.80 18.36 -16.59
N LEU B 24 -3.02 17.23 -15.96
CA LEU B 24 -2.31 16.01 -16.37
C LEU B 24 -2.68 15.54 -17.80
N LEU B 25 -3.96 15.54 -18.15
CA LEU B 25 -4.36 15.25 -19.50
C LEU B 25 -3.63 16.19 -20.55
N ASP B 26 -3.58 17.49 -20.28
CA ASP B 26 -2.79 18.40 -21.17
C ASP B 26 -1.30 17.94 -21.30
N GLU B 27 -0.65 17.66 -20.20
CA GLU B 27 0.73 17.09 -20.19
C GLU B 27 0.82 15.78 -21.00
N LEU B 28 -0.18 14.87 -20.82
CA LEU B 28 -0.17 13.62 -21.53
C LEU B 28 -0.36 13.85 -23.03
N LYS B 29 -1.21 14.81 -23.41
CA LYS B 29 -1.40 15.11 -24.83
C LYS B 29 -0.08 15.57 -25.50
N THR B 30 0.70 16.36 -24.78
CA THR B 30 2.04 16.79 -25.22
C THR B 30 2.91 15.57 -25.50
N ARG B 31 2.89 14.58 -24.60
CA ARG B 31 3.71 13.37 -24.83
C ARG B 31 3.29 12.57 -26.04
N VAL B 32 1.98 12.41 -26.23
CA VAL B 32 1.48 11.69 -27.39
C VAL B 32 1.83 12.45 -28.67
N ASP B 33 1.68 13.76 -28.66
CA ASP B 33 2.15 14.56 -29.80
C ASP B 33 3.63 14.37 -30.11
N ALA B 34 4.47 14.36 -29.09
CA ALA B 34 5.91 14.17 -29.30
C ALA B 34 6.15 12.80 -29.92
N ARG B 35 5.39 11.77 -29.49
CA ARG B 35 5.54 10.44 -30.08
C ARG B 35 5.17 10.41 -31.56
N LEU B 36 4.02 11.02 -31.87
CA LEU B 36 3.58 11.07 -33.25
C LEU B 36 4.56 11.94 -34.05
N ALA B 37 5.04 13.06 -33.51
CA ALA B 37 6.10 13.84 -34.22
C ALA B 37 7.30 12.98 -34.52
N ALA B 38 7.66 12.00 -33.66
CA ALA B 38 8.84 11.16 -33.93
C ALA B 38 8.53 9.88 -34.69
N GLY B 39 7.40 9.81 -35.39
CA GLY B 39 7.07 8.63 -36.15
C GLY B 39 6.66 7.45 -35.29
N GLN B 40 6.61 7.58 -33.96
CA GLN B 40 6.31 6.44 -33.10
C GLN B 40 4.79 6.09 -33.08
N PRO B 41 4.45 4.83 -32.77
CA PRO B 41 2.98 4.47 -32.79
C PRO B 41 2.09 5.27 -31.83
N ARG B 42 0.85 5.50 -32.21
CA ARG B 42 -0.12 6.07 -31.29
C ARG B 42 -0.48 5.03 -30.21
N PRO B 43 -0.52 5.42 -28.95
CA PRO B 43 -0.84 4.42 -27.92
C PRO B 43 -2.28 3.96 -28.01
N GLY B 44 -2.47 2.67 -27.82
CA GLY B 44 -3.82 2.08 -27.90
C GLY B 44 -4.19 1.50 -26.57
N LEU B 45 -5.44 1.74 -26.18
CA LEU B 45 -6.03 1.28 -24.97
C LEU B 45 -7.29 0.51 -25.29
N ALA B 46 -7.34 -0.74 -24.89
CA ALA B 46 -8.57 -1.53 -24.93
C ALA B 46 -9.30 -1.35 -23.63
N VAL B 47 -10.58 -0.99 -23.72
CA VAL B 47 -11.46 -0.89 -22.60
C VAL B 47 -12.62 -1.90 -22.81
N VAL B 48 -12.65 -2.90 -21.92
CA VAL B 48 -13.69 -3.89 -21.90
C VAL B 48 -14.81 -3.65 -20.86
N LEU B 49 -16.04 -3.65 -21.34
CA LEU B 49 -17.18 -3.40 -20.49
C LEU B 49 -18.12 -4.57 -20.75
N VAL B 50 -18.56 -5.23 -19.67
CA VAL B 50 -19.46 -6.35 -19.80
C VAL B 50 -20.70 -5.98 -19.12
N GLY B 51 -21.76 -6.01 -19.91
CA GLY B 51 -23.13 -5.80 -19.34
C GLY B 51 -23.38 -4.31 -19.35
N GLY B 52 -24.38 -3.91 -18.58
CA GLY B 52 -24.91 -2.57 -18.65
C GLY B 52 -25.16 -1.96 -17.30
N ASP B 53 -24.31 -2.23 -16.30
CA ASP B 53 -24.43 -1.55 -15.06
C ASP B 53 -24.24 0.01 -15.33
N PRO B 54 -25.20 0.88 -14.84
CA PRO B 54 -25.12 2.29 -15.17
C PRO B 54 -23.79 2.94 -14.74
N ALA B 55 -23.33 2.74 -13.50
CA ALA B 55 -22.11 3.34 -13.05
C ALA B 55 -20.89 2.93 -13.88
N SER B 56 -20.80 1.63 -14.16
CA SER B 56 -19.72 1.10 -15.00
C SER B 56 -19.68 1.71 -16.39
N THR B 57 -20.85 1.89 -16.97
CA THR B 57 -20.99 2.49 -18.30
C THR B 57 -20.44 3.92 -18.31
N VAL B 58 -20.77 4.70 -17.30
CA VAL B 58 -20.21 6.02 -17.06
C VAL B 58 -18.73 6.01 -16.90
N TYR B 59 -18.23 5.08 -16.07
CA TYR B 59 -16.79 5.01 -15.84
C TYR B 59 -16.03 4.71 -17.11
N VAL B 60 -16.58 3.77 -17.88
CA VAL B 60 -15.98 3.41 -19.13
C VAL B 60 -16.03 4.57 -20.19
N ARG B 61 -17.14 5.23 -20.27
CA ARG B 61 -17.27 6.40 -21.12
C ARG B 61 -16.22 7.54 -20.69
N ASN B 62 -16.07 7.83 -19.41
CA ASN B 62 -15.07 8.75 -18.94
C ASN B 62 -13.68 8.32 -19.35
N LYS B 63 -13.40 7.04 -19.33
CA LYS B 63 -12.08 6.58 -19.78
C LYS B 63 -11.82 6.81 -21.25
N ARG B 64 -12.83 6.50 -22.06
CA ARG B 64 -12.72 6.63 -23.49
C ARG B 64 -12.62 8.09 -23.86
N ARG B 65 -13.36 8.97 -23.16
CA ARG B 65 -13.32 10.35 -23.44
C ARG B 65 -11.96 10.96 -23.07
N ALA B 66 -11.39 10.56 -21.94
CA ALA B 66 -10.06 11.00 -21.56
C ALA B 66 -9.00 10.58 -22.64
N ALA B 67 -9.12 9.35 -23.07
CA ALA B 67 -8.25 8.77 -24.03
C ALA B 67 -8.29 9.63 -25.32
N GLU B 68 -9.49 9.95 -25.80
CA GLU B 68 -9.55 10.69 -27.05
C GLU B 68 -9.02 12.10 -26.92
N LYS B 69 -9.27 12.75 -25.80
CA LYS B 69 -8.72 14.02 -25.46
C LYS B 69 -7.15 14.02 -25.50
N VAL B 70 -6.49 12.98 -25.01
CA VAL B 70 -5.03 13.00 -25.06
C VAL B 70 -4.44 12.46 -26.35
N GLY B 71 -5.27 11.89 -27.23
CA GLY B 71 -4.78 11.20 -28.43
C GLY B 71 -4.40 9.73 -28.31
N ILE B 72 -4.85 9.02 -27.25
CA ILE B 72 -4.72 7.60 -27.18
C ILE B 72 -5.88 7.06 -27.99
N GLU B 73 -5.69 6.02 -28.77
CA GLU B 73 -6.82 5.41 -29.47
C GLU B 73 -7.45 4.38 -28.57
N ALA B 74 -8.72 4.55 -28.34
CA ALA B 74 -9.52 3.69 -27.47
C ALA B 74 -10.17 2.65 -28.34
N PHE B 75 -9.92 1.36 -28.09
CA PHE B 75 -10.62 0.23 -28.73
C PHE B 75 -11.64 -0.31 -27.77
N ASP B 76 -12.89 -0.17 -28.11
CA ASP B 76 -14.07 -0.46 -27.31
C ASP B 76 -14.51 -1.91 -27.50
N TYR B 77 -14.74 -2.61 -26.42
CA TYR B 77 -15.36 -3.95 -26.45
C TYR B 77 -16.47 -3.84 -25.44
N ASP B 78 -17.70 -3.69 -25.90
CA ASP B 78 -18.85 -3.66 -25.00
C ASP B 78 -19.54 -5.03 -25.22
N LEU B 79 -19.63 -5.87 -24.20
CA LEU B 79 -20.05 -7.27 -24.37
C LEU B 79 -21.32 -7.45 -23.57
N PRO B 80 -22.23 -8.31 -24.06
CA PRO B 80 -23.49 -8.46 -23.37
C PRO B 80 -23.32 -9.08 -21.99
N ALA B 81 -24.19 -8.71 -21.06
CA ALA B 81 -24.40 -9.48 -19.85
C ALA B 81 -24.63 -10.98 -20.19
N GLY B 82 -24.01 -11.81 -19.39
CA GLY B 82 -24.04 -13.23 -19.56
C GLY B 82 -22.85 -13.70 -20.35
N THR B 83 -21.97 -12.81 -20.81
CA THR B 83 -20.78 -13.26 -21.53
C THR B 83 -19.96 -14.06 -20.55
N GLY B 84 -19.50 -15.23 -20.96
CA GLY B 84 -18.79 -16.12 -20.04
C GLY B 84 -17.31 -15.82 -19.82
N GLU B 85 -16.79 -16.28 -18.68
CA GLU B 85 -15.36 -16.27 -18.42
C GLU B 85 -14.49 -16.75 -19.61
N ALA B 86 -14.91 -17.81 -20.23
CA ALA B 86 -14.17 -18.32 -21.36
C ALA B 86 -13.99 -17.34 -22.47
N GLU B 87 -15.09 -16.68 -22.86
CA GLU B 87 -15.04 -15.77 -23.96
C GLU B 87 -14.17 -14.57 -23.56
N LEU B 88 -14.26 -14.12 -22.31
CA LEU B 88 -13.40 -13.00 -21.86
C LEU B 88 -11.90 -13.35 -21.86
N LEU B 89 -11.55 -14.56 -21.44
CA LEU B 89 -10.14 -14.98 -21.50
C LEU B 89 -9.64 -15.00 -22.93
N SER B 90 -10.49 -15.48 -23.80
CA SER B 90 -10.13 -15.53 -25.23
C SER B 90 -9.93 -14.12 -25.83
N LEU B 91 -10.79 -13.20 -25.43
CA LEU B 91 -10.67 -11.80 -25.88
C LEU B 91 -9.35 -11.20 -25.30
N ILE B 92 -9.12 -11.45 -24.05
CA ILE B 92 -7.88 -10.97 -23.41
C ILE B 92 -6.64 -11.49 -24.13
N ASP B 93 -6.66 -12.78 -24.47
CA ASP B 93 -5.58 -13.36 -25.25
C ASP B 93 -5.44 -12.65 -26.57
N GLN B 94 -6.55 -12.34 -27.22
CA GLN B 94 -6.46 -11.59 -28.48
C GLN B 94 -5.78 -10.18 -28.33
N LEU B 95 -6.20 -9.44 -27.30
CA LEU B 95 -5.68 -8.09 -26.97
C LEU B 95 -4.20 -8.22 -26.60
N ASN B 96 -3.84 -9.26 -25.86
CA ASN B 96 -2.46 -9.51 -25.51
C ASN B 96 -1.58 -9.61 -26.70
N ALA B 97 -2.11 -10.24 -27.73
CA ALA B 97 -1.35 -10.52 -28.93
C ALA B 97 -1.44 -9.35 -29.91
N ASP B 98 -2.23 -8.34 -29.69
CA ASP B 98 -2.39 -7.33 -30.72
C ASP B 98 -1.41 -6.14 -30.44
N PRO B 99 -0.40 -5.96 -31.31
CA PRO B 99 0.64 -4.95 -31.07
C PRO B 99 0.21 -3.46 -31.06
N LYS B 100 -0.95 -3.20 -31.57
CA LYS B 100 -1.47 -1.86 -31.48
C LYS B 100 -2.13 -1.55 -30.13
N ILE B 101 -2.37 -2.59 -29.32
CA ILE B 101 -2.99 -2.45 -28.00
C ILE B 101 -1.84 -2.38 -26.97
N HIS B 102 -1.66 -1.25 -26.29
CA HIS B 102 -0.58 -1.16 -25.31
C HIS B 102 -1.04 -1.38 -23.89
N GLY B 103 -2.32 -1.05 -23.62
CA GLY B 103 -2.95 -1.14 -22.30
C GLY B 103 -4.33 -1.83 -22.47
N ILE B 104 -4.72 -2.59 -21.45
CA ILE B 104 -5.97 -3.30 -21.36
C ILE B 104 -6.56 -2.99 -19.99
N LEU B 105 -7.74 -2.38 -19.97
CA LEU B 105 -8.56 -2.21 -18.80
C LEU B 105 -9.84 -3.05 -19.01
N VAL B 106 -10.13 -3.85 -18.02
CA VAL B 106 -11.37 -4.51 -17.87
C VAL B 106 -12.17 -3.86 -16.76
N GLN B 107 -13.34 -3.33 -17.07
CA GLN B 107 -14.10 -2.61 -16.07
C GLN B 107 -14.75 -3.65 -15.11
N LEU B 108 -14.61 -3.41 -13.81
CA LEU B 108 -15.14 -4.27 -12.75
C LEU B 108 -16.32 -3.51 -12.06
N PRO B 109 -17.34 -4.19 -11.53
CA PRO B 109 -17.43 -5.65 -11.45
C PRO B 109 -18.04 -6.23 -12.71
N LEU B 110 -17.77 -7.50 -12.95
CA LEU B 110 -18.29 -8.19 -14.11
C LEU B 110 -19.54 -8.91 -13.60
N PRO B 111 -20.66 -8.74 -14.31
CA PRO B 111 -21.89 -9.42 -13.95
C PRO B 111 -21.75 -10.96 -13.83
N GLY B 112 -21.96 -11.49 -12.64
CA GLY B 112 -21.96 -12.96 -12.46
C GLY B 112 -20.57 -13.60 -12.35
N ILE B 113 -19.52 -12.78 -12.23
CA ILE B 113 -18.17 -13.28 -12.04
C ILE B 113 -17.69 -12.62 -10.76
N ALA B 114 -17.94 -13.25 -9.63
CA ALA B 114 -17.52 -12.73 -8.33
C ALA B 114 -16.02 -12.54 -8.22
N ASP B 115 -15.23 -13.51 -8.70
CA ASP B 115 -13.75 -13.35 -8.64
C ASP B 115 -13.14 -13.06 -9.99
N ALA B 116 -12.78 -11.81 -10.20
CA ALA B 116 -12.20 -11.40 -11.47
C ALA B 116 -10.69 -11.69 -11.60
N SER B 117 -10.07 -12.22 -10.52
CA SER B 117 -8.63 -12.44 -10.48
C SER B 117 -8.09 -13.28 -11.67
N ARG B 118 -8.78 -14.32 -12.11
CA ARG B 118 -8.26 -15.14 -13.19
C ARG B 118 -8.20 -14.36 -14.50
N LEU B 119 -9.13 -13.43 -14.70
CA LEU B 119 -9.14 -12.56 -15.90
C LEU B 119 -8.06 -11.50 -15.79
N ILE B 120 -7.99 -10.85 -14.65
CA ILE B 120 -6.99 -9.84 -14.42
C ILE B 120 -5.58 -10.45 -14.61
N HIS B 121 -5.35 -11.63 -14.08
CA HIS B 121 -4.05 -12.30 -14.20
C HIS B 121 -3.79 -12.75 -15.62
N ARG B 122 -4.80 -12.92 -16.48
CA ARG B 122 -4.49 -13.28 -17.84
C ARG B 122 -3.90 -12.05 -18.64
N ILE B 123 -4.20 -10.83 -18.21
CA ILE B 123 -3.73 -9.63 -18.94
C ILE B 123 -2.17 -9.67 -18.90
N ASP B 124 -1.55 -9.51 -20.06
CA ASP B 124 -0.10 -9.42 -20.18
C ASP B 124 0.36 -8.32 -19.19
N PRO B 125 1.32 -8.64 -18.32
CA PRO B 125 1.76 -7.60 -17.39
C PRO B 125 2.26 -6.32 -18.07
N ARG B 126 2.82 -6.44 -19.22
CA ARG B 126 3.20 -5.26 -20.00
C ARG B 126 2.05 -4.40 -20.45
N LYS B 127 0.80 -4.94 -20.47
CA LYS B 127 -0.35 -4.14 -20.77
C LYS B 127 -1.30 -3.86 -19.60
N ASP B 128 -0.90 -4.15 -18.41
CA ASP B 128 -1.78 -4.08 -17.23
C ASP B 128 -1.72 -2.72 -16.65
N VAL B 129 -2.52 -1.81 -17.16
CA VAL B 129 -2.35 -0.44 -16.86
C VAL B 129 -3.19 -0.01 -15.69
N ASP B 130 -4.07 -0.88 -15.21
CA ASP B 130 -4.77 -0.47 -14.00
C ASP B 130 -3.92 -0.93 -12.85
N GLY B 131 -3.89 -2.25 -12.69
CA GLY B 131 -3.04 -2.94 -11.71
C GLY B 131 -3.20 -2.51 -10.28
N GLY B 138 -6.30 1.34 -1.32
CA GLY B 138 -7.09 0.69 -0.29
C GLY B 138 -7.76 1.71 0.62
N HIS B 139 -7.09 1.94 1.75
CA HIS B 139 -7.60 2.82 2.81
C HIS B 139 -7.32 4.32 2.56
N LEU B 140 -6.48 4.69 1.57
CA LEU B 140 -6.08 6.11 1.30
C LEU B 140 -6.38 6.52 -0.11
N ALA B 141 -6.99 7.68 -0.30
CA ALA B 141 -7.28 8.19 -1.65
C ALA B 141 -6.13 8.98 -2.25
N LEU B 142 -4.92 8.41 -2.28
CA LEU B 142 -3.78 9.19 -2.76
C LEU B 142 -3.84 9.53 -4.26
N ARG B 143 -4.19 8.53 -5.05
CA ARG B 143 -4.25 8.64 -6.50
C ARG B 143 -5.19 9.69 -6.96
N GLU B 144 -6.42 9.73 -6.38
CA GLU B 144 -7.40 10.71 -6.78
C GLU B 144 -7.02 12.14 -6.45
N PHE B 145 -6.11 12.33 -5.48
CA PHE B 145 -5.65 13.71 -5.20
C PHE B 145 -4.24 14.02 -5.67
N GLY B 146 -3.63 13.10 -6.41
CA GLY B 146 -2.23 13.25 -6.88
C GLY B 146 -1.21 13.25 -5.78
N LEU B 147 -1.50 12.56 -4.70
CA LEU B 147 -0.67 12.60 -3.52
C LEU B 147 0.07 11.28 -3.22
N ARG B 148 0.31 10.45 -4.24
CA ARG B 148 1.17 9.30 -4.00
C ARG B 148 2.59 9.75 -3.83
N PRO B 149 3.37 9.00 -3.05
CA PRO B 149 4.78 9.40 -2.71
C PRO B 149 5.66 9.67 -3.96
N CYS B 150 5.48 8.81 -4.97
CA CYS B 150 6.09 8.95 -6.28
C CYS B 150 5.72 10.29 -7.05
N THR B 151 4.72 11.06 -6.61
CA THR B 151 4.44 12.43 -7.15
C THR B 151 4.51 13.46 -6.00
N PRO B 152 5.74 13.66 -5.47
CA PRO B 152 5.91 14.44 -4.24
C PRO B 152 5.46 15.87 -4.36
N ARG B 153 5.32 16.43 -5.58
CA ARG B 153 4.90 17.82 -5.77
C ARG B 153 3.35 17.92 -5.65
N GLY B 154 2.64 16.80 -5.52
CA GLY B 154 1.21 16.88 -5.58
C GLY B 154 0.48 17.78 -4.63
N ILE B 155 0.95 17.92 -3.40
CA ILE B 155 0.21 18.71 -2.42
C ILE B 155 0.19 20.17 -2.80
N VAL B 156 1.32 20.70 -3.31
CA VAL B 156 1.36 22.08 -3.74
C VAL B 156 0.48 22.43 -4.98
N THR B 157 0.46 21.52 -5.96
CA THR B 157 -0.37 21.64 -7.10
C THR B 157 -1.84 21.71 -6.65
N LEU B 158 -2.22 20.78 -5.78
CA LEU B 158 -3.61 20.74 -5.31
C LEU B 158 -3.99 22.02 -4.64
N LEU B 159 -3.12 22.53 -3.77
CA LEU B 159 -3.38 23.77 -3.05
C LEU B 159 -3.44 24.98 -3.96
N ALA B 160 -2.80 24.91 -5.08
CA ALA B 160 -2.80 26.09 -6.00
C ALA B 160 -4.22 26.20 -6.64
N HIS B 161 -5.06 25.17 -6.52
CA HIS B 161 -6.41 25.22 -7.07
C HIS B 161 -7.41 25.64 -6.03
N THR B 162 -6.91 26.07 -4.87
CA THR B 162 -7.71 26.91 -3.94
C THR B 162 -7.32 28.39 -4.16
N ASP B 163 -7.96 29.25 -3.39
CA ASP B 163 -7.65 30.65 -3.40
C ASP B 163 -6.92 31.00 -2.09
N GLN B 164 -6.27 30.03 -1.46
CA GLN B 164 -5.75 30.26 -0.12
C GLN B 164 -4.27 30.37 -0.17
N PRO B 165 -3.69 31.20 0.68
CA PRO B 165 -2.22 31.32 0.70
C PRO B 165 -1.56 30.06 1.28
N VAL B 166 -0.32 29.83 0.85
CA VAL B 166 0.49 28.71 1.29
C VAL B 166 1.69 29.17 2.13
N ARG B 167 2.47 30.11 1.59
CA ARG B 167 3.68 30.55 2.15
C ARG B 167 3.37 31.23 3.49
N GLY B 168 4.14 30.94 4.56
CA GLY B 168 3.83 31.56 5.85
C GLY B 168 2.68 30.96 6.67
N ARG B 169 1.99 29.96 6.13
CA ARG B 169 0.89 29.39 6.83
C ARG B 169 1.35 28.13 7.62
N ASN B 170 0.51 27.72 8.58
CA ASN B 170 0.72 26.54 9.39
C ASN B 170 0.15 25.35 8.72
N ALA B 171 0.96 24.28 8.60
CA ALA B 171 0.47 23.03 8.04
C ALA B 171 0.62 21.98 9.05
N THR B 172 -0.38 21.12 9.21
CA THR B 172 -0.18 19.89 9.96
C THR B 172 -0.50 18.65 9.07
N ILE B 173 0.37 17.67 9.13
CA ILE B 173 0.19 16.42 8.45
C ILE B 173 -0.06 15.35 9.52
N VAL B 174 -1.18 14.60 9.39
CA VAL B 174 -1.52 13.51 10.26
C VAL B 174 -1.51 12.24 9.41
N GLY B 175 -0.63 11.35 9.73
CA GLY B 175 -0.27 10.22 8.89
C GLY B 175 -0.13 8.97 9.74
N VAL B 176 -0.37 7.86 9.08
CA VAL B 176 -0.23 6.57 9.70
C VAL B 176 1.17 6.10 9.39
N SER B 177 1.68 6.41 8.20
CA SER B 177 3.10 6.15 7.91
C SER B 177 3.87 7.45 7.63
N ASN B 178 5.01 7.58 8.37
CA ASN B 178 6.15 8.48 8.04
C ASN B 178 6.41 8.46 6.53
N HIS B 179 6.35 7.30 5.94
CA HIS B 179 6.51 7.22 4.50
C HIS B 179 5.53 7.99 3.48
N VAL B 180 4.25 8.12 3.82
CA VAL B 180 3.36 8.88 2.94
C VAL B 180 3.40 10.40 3.25
N GLY B 181 3.58 10.74 4.51
CA GLY B 181 3.60 12.14 4.95
C GLY B 181 4.87 12.90 4.64
N ARG B 182 5.97 12.22 4.67
CA ARG B 182 7.29 12.83 4.52
C ARG B 182 7.48 13.67 3.22
N PRO B 183 7.17 13.17 2.04
CA PRO B 183 7.25 14.05 0.84
C PRO B 183 6.28 15.22 0.80
N MET B 184 5.13 15.11 1.42
CA MET B 184 4.18 16.21 1.56
C MET B 184 4.67 17.25 2.56
N ALA B 185 5.16 16.77 3.70
CA ALA B 185 5.79 17.67 4.69
C ALA B 185 6.90 18.50 4.06
N LEU B 186 7.73 17.86 3.31
CA LEU B 186 8.82 18.45 2.66
C LEU B 186 8.45 19.49 1.61
N GLU B 187 7.47 19.19 0.75
CA GLU B 187 7.04 20.12 -0.25
C GLU B 187 6.42 21.30 0.40
N LEU B 188 5.69 21.10 1.51
CA LEU B 188 5.16 22.28 2.21
C LEU B 188 6.22 23.10 2.88
N LEU B 189 7.31 22.45 3.32
CA LEU B 189 8.42 23.20 3.88
C LEU B 189 9.02 24.12 2.78
N ILE B 190 9.27 23.54 1.63
CA ILE B 190 9.87 24.26 0.49
C ILE B 190 8.92 25.38 0.01
N ALA B 191 7.60 25.18 0.03
CA ALA B 191 6.63 26.23 -0.27
C ALA B 191 6.54 27.27 0.80
N GLY B 192 7.34 27.16 1.91
CA GLY B 192 7.28 28.17 2.95
C GLY B 192 6.32 28.06 4.10
N CYS B 193 5.67 26.90 4.26
CA CYS B 193 4.86 26.62 5.41
C CYS B 193 5.64 26.25 6.61
N THR B 194 5.10 26.53 7.76
CA THR B 194 5.52 26.01 9.03
C THR B 194 4.82 24.71 9.28
N VAL B 195 5.55 23.61 9.30
CA VAL B 195 4.93 22.31 9.21
C VAL B 195 5.13 21.50 10.51
N SER B 196 4.15 20.72 10.84
CA SER B 196 4.22 19.67 11.93
C SER B 196 3.67 18.36 11.40
N CYS B 198 2.07 14.74 12.78
CA CYS B 198 1.48 13.92 13.86
C CYS B 198 1.23 12.52 13.36
N HIS B 199 1.56 11.52 14.14
CA HIS B 199 1.44 10.14 13.78
C HIS B 199 0.12 9.69 14.46
N LYS B 200 -0.46 8.61 13.96
CA LYS B 200 -1.59 7.93 14.59
C LYS B 200 -1.42 7.76 16.12
N PHE B 201 -0.17 7.51 16.59
CA PHE B 201 0.08 7.40 18.01
C PHE B 201 0.17 8.69 18.79
N THR B 202 0.08 9.84 18.16
CA THR B 202 0.13 11.10 18.84
C THR B 202 -0.97 11.15 19.88
N PRO B 203 -0.65 11.54 21.12
CA PRO B 203 -1.76 11.67 22.12
C PRO B 203 -2.87 12.57 21.64
N ALA B 204 -4.11 12.20 21.95
CA ALA B 204 -5.30 12.88 21.40
C ALA B 204 -5.29 14.39 21.76
N ASP B 205 -4.87 14.77 22.94
CA ASP B 205 -4.79 16.19 23.32
C ASP B 205 -3.75 17.03 22.50
N VAL B 206 -2.63 16.40 22.19
CA VAL B 206 -1.59 16.99 21.38
C VAL B 206 -2.09 17.07 19.94
N LEU B 207 -2.73 16.03 19.47
CA LEU B 207 -3.29 16.00 18.15
C LEU B 207 -4.22 17.16 17.97
N GLN B 208 -5.10 17.29 18.94
CA GLN B 208 -6.11 18.34 18.93
C GLN B 208 -5.47 19.74 18.85
N THR B 209 -4.45 19.96 19.68
CA THR B 209 -3.73 21.20 19.58
C THR B 209 -3.20 21.50 18.20
N HIS B 210 -2.57 20.50 17.57
CA HIS B 210 -1.98 20.75 16.24
C HIS B 210 -3.05 20.89 15.16
N VAL B 211 -4.17 20.17 15.29
CA VAL B 211 -5.24 20.41 14.28
C VAL B 211 -5.79 21.86 14.42
N ARG B 212 -5.96 22.32 15.66
CA ARG B 212 -6.56 23.61 15.89
C ARG B 212 -5.69 24.74 15.34
N ASP B 213 -4.39 24.54 15.22
CA ASP B 213 -3.43 25.55 14.69
C ASP B 213 -3.27 25.51 13.17
N ALA B 214 -3.85 24.52 12.51
CA ALA B 214 -3.49 24.30 11.12
C ALA B 214 -4.40 25.04 10.10
N ASP B 215 -3.79 25.96 9.34
CA ASP B 215 -4.41 26.47 8.16
C ASP B 215 -4.51 25.48 7.02
N ILE B 216 -3.54 24.55 6.97
CA ILE B 216 -3.51 23.51 5.98
C ILE B 216 -3.49 22.22 6.76
N LEU B 217 -4.52 21.37 6.58
CA LEU B 217 -4.62 20.10 7.36
C LEU B 217 -4.69 18.91 6.42
N VAL B 218 -3.71 18.03 6.44
CA VAL B 218 -3.65 16.88 5.53
C VAL B 218 -3.75 15.64 6.41
N VAL B 219 -4.83 14.83 6.24
CA VAL B 219 -5.08 13.67 7.07
C VAL B 219 -5.08 12.43 6.19
N ALA B 220 -4.20 11.51 6.50
CA ALA B 220 -3.95 10.34 5.75
C ALA B 220 -3.78 9.16 6.73
N VAL B 221 -4.84 8.80 7.47
CA VAL B 221 -4.76 7.74 8.44
C VAL B 221 -5.59 6.53 8.16
N GLY B 222 -6.78 6.74 7.59
CA GLY B 222 -7.72 5.64 7.44
C GLY B 222 -8.35 5.20 8.74
N ARG B 223 -8.92 6.11 9.52
CA ARG B 223 -9.65 5.76 10.68
C ARG B 223 -10.75 6.76 10.81
N PRO B 224 -12.01 6.31 10.84
CA PRO B 224 -13.10 7.24 10.84
C PRO B 224 -13.19 7.81 12.22
N GLY B 225 -13.66 9.03 12.31
CA GLY B 225 -13.74 9.66 13.58
C GLY B 225 -12.37 10.12 14.11
N LEU B 226 -11.24 9.93 13.46
CA LEU B 226 -9.96 10.27 14.19
C LEU B 226 -9.90 11.77 14.51
N ILE B 227 -10.40 12.62 13.60
CA ILE B 227 -10.43 13.99 13.80
C ILE B 227 -11.80 14.55 13.75
N PRO B 228 -12.34 14.87 14.93
CA PRO B 228 -13.66 15.54 14.94
C PRO B 228 -13.58 16.88 14.19
N GLY B 229 -14.61 17.11 13.39
CA GLY B 229 -14.63 18.25 12.52
C GLY B 229 -14.56 19.61 13.19
N ASP B 230 -14.93 19.71 14.43
CA ASP B 230 -14.97 20.99 15.10
C ASP B 230 -13.55 21.35 15.63
N TRP B 231 -12.58 20.44 15.50
CA TRP B 231 -11.18 20.81 15.72
C TRP B 231 -10.65 21.66 14.60
N VAL B 232 -11.26 21.64 13.41
CA VAL B 232 -10.70 22.27 12.23
C VAL B 232 -10.63 23.76 12.36
N LYS B 233 -9.49 24.36 12.03
CA LYS B 233 -9.32 25.79 12.21
C LYS B 233 -10.20 26.53 11.30
N PRO B 234 -10.83 27.61 11.80
CA PRO B 234 -11.60 28.40 10.77
C PRO B 234 -10.73 28.86 9.56
N GLY B 235 -11.22 28.65 8.33
CA GLY B 235 -10.50 29.02 7.12
C GLY B 235 -9.49 28.03 6.58
N ALA B 236 -9.26 26.93 7.30
CA ALA B 236 -8.39 25.87 6.92
C ALA B 236 -8.70 25.26 5.59
N VAL B 237 -7.64 24.87 4.88
CA VAL B 237 -7.77 23.90 3.79
C VAL B 237 -7.63 22.50 4.35
N VAL B 238 -8.70 21.70 4.26
CA VAL B 238 -8.69 20.32 4.79
C VAL B 238 -8.61 19.34 3.64
N ILE B 239 -7.54 18.55 3.62
CA ILE B 239 -7.30 17.52 2.65
C ILE B 239 -7.34 16.22 3.45
N ASP B 240 -8.47 15.55 3.34
CA ASP B 240 -8.73 14.33 4.05
C ASP B 240 -8.75 13.19 3.05
N VAL B 241 -7.74 12.36 3.06
CA VAL B 241 -7.73 11.27 2.08
C VAL B 241 -7.99 9.90 2.69
N GLY B 242 -8.53 9.84 3.86
CA GLY B 242 -8.90 8.52 4.40
C GLY B 242 -10.10 7.99 3.62
N ILE B 243 -10.20 6.68 3.46
CA ILE B 243 -11.42 6.09 2.92
C ILE B 243 -11.87 5.04 3.88
N ASN B 244 -12.88 5.29 4.69
CA ASN B 244 -13.27 4.34 5.71
C ASN B 244 -14.71 3.89 5.40
N ARG B 245 -14.94 2.58 5.46
CA ARG B 245 -16.28 1.97 5.18
C ARG B 245 -17.01 1.81 6.46
N LEU B 246 -18.04 2.58 6.65
CA LEU B 246 -18.84 2.45 7.87
C LEU B 246 -19.90 1.33 7.79
N ASP B 247 -20.43 1.03 8.97
CA ASP B 247 -21.39 -0.05 9.21
C ASP B 247 -22.40 -0.26 8.07
N ASP B 248 -23.04 0.85 7.72
CA ASP B 248 -24.11 0.94 6.71
C ASP B 248 -23.71 1.01 5.22
N GLY B 249 -22.45 0.74 4.87
CA GLY B 249 -22.01 0.85 3.46
C GLY B 249 -21.42 2.20 3.03
N ARG B 250 -21.75 3.28 3.73
CA ARG B 250 -21.21 4.59 3.42
C ARG B 250 -19.66 4.67 3.56
N LEU B 251 -19.08 5.60 2.79
CA LEU B 251 -17.65 5.92 2.83
C LEU B 251 -17.48 7.30 3.41
N VAL B 252 -16.61 7.40 4.41
CA VAL B 252 -16.23 8.69 4.98
C VAL B 252 -14.69 8.76 5.09
N GLY B 253 -14.21 9.99 5.18
CA GLY B 253 -12.80 10.23 5.50
C GLY B 253 -12.48 10.12 6.95
N ASP B 254 -11.26 10.57 7.32
CA ASP B 254 -10.81 10.57 8.71
C ASP B 254 -11.30 11.75 9.48
N VAL B 255 -11.80 12.76 8.76
CA VAL B 255 -12.27 13.97 9.36
C VAL B 255 -13.84 14.04 9.37
N GLY B 256 -14.46 14.50 10.47
CA GLY B 256 -15.92 14.60 10.53
C GLY B 256 -16.37 15.68 9.58
N PHE B 257 -16.98 15.28 8.49
CA PHE B 257 -17.22 16.23 7.38
C PHE B 257 -18.17 17.36 7.69
N GLU B 258 -19.33 17.15 8.33
CA GLU B 258 -20.36 18.25 8.47
C GLU B 258 -19.77 19.31 9.36
N ALA B 259 -19.21 18.93 10.50
CA ALA B 259 -18.57 19.90 11.41
C ALA B 259 -17.40 20.67 10.72
N ALA B 260 -16.55 19.94 9.99
CA ALA B 260 -15.42 20.54 9.28
C ALA B 260 -15.84 21.51 8.19
N ALA B 261 -16.92 21.19 7.52
CA ALA B 261 -17.38 22.01 6.43
C ALA B 261 -18.00 23.32 6.82
N GLN B 262 -18.39 23.50 8.08
CA GLN B 262 -18.78 24.85 8.59
C GLN B 262 -17.57 25.75 9.00
N ARG B 263 -16.37 25.20 9.04
CA ARG B 263 -15.14 25.94 9.45
C ARG B 263 -14.15 26.12 8.31
N ALA B 264 -13.92 25.08 7.53
CA ALA B 264 -12.94 25.13 6.51
C ALA B 264 -13.29 26.11 5.35
N SER B 265 -12.28 26.71 4.74
CA SER B 265 -12.53 27.43 3.51
C SER B 265 -12.65 26.41 2.36
N TRP B 266 -11.77 25.39 2.34
CA TRP B 266 -11.77 24.35 1.32
C TRP B 266 -11.69 23.00 1.97
N ILE B 267 -12.40 22.00 1.43
CA ILE B 267 -12.37 20.65 1.94
C ILE B 267 -12.55 19.63 0.79
N THR B 268 -11.95 18.47 0.96
CA THR B 268 -12.00 17.48 -0.03
C THR B 268 -13.38 16.76 0.14
N PRO B 269 -13.87 16.13 -0.93
CA PRO B 269 -15.17 15.55 -0.89
C PRO B 269 -15.19 14.17 -0.19
N VAL B 270 -16.41 13.68 0.10
CA VAL B 270 -16.55 12.32 0.61
C VAL B 270 -15.99 11.36 -0.46
N PRO B 271 -15.43 10.26 0.00
CA PRO B 271 -14.93 9.32 -1.00
C PRO B 271 -16.10 8.65 -1.76
N GLY B 272 -15.84 8.07 -2.90
CA GLY B 272 -16.77 7.31 -3.69
C GLY B 272 -16.50 7.57 -5.16
N GLY B 273 -16.79 6.59 -5.99
CA GLY B 273 -16.83 6.78 -7.44
C GLY B 273 -15.43 6.76 -8.02
N VAL B 274 -15.29 7.15 -9.28
CA VAL B 274 -14.00 7.12 -9.97
C VAL B 274 -13.76 8.56 -10.41
N GLY B 275 -12.86 9.24 -9.75
CA GLY B 275 -12.69 10.64 -10.11
C GLY B 275 -11.88 10.86 -11.39
N PRO B 276 -11.85 12.08 -11.84
CA PRO B 276 -11.09 12.43 -13.05
C PRO B 276 -9.57 12.20 -12.93
N MET B 277 -9.01 12.30 -11.75
CA MET B 277 -7.53 12.19 -11.63
C MET B 277 -7.18 10.71 -11.76
N THR B 278 -8.05 9.84 -11.23
CA THR B 278 -7.80 8.42 -11.34
C THR B 278 -7.83 8.06 -12.80
N VAL B 279 -8.82 8.55 -13.53
CA VAL B 279 -8.87 8.30 -14.96
C VAL B 279 -7.61 8.84 -15.67
N ALA B 280 -7.18 10.03 -15.32
CA ALA B 280 -6.03 10.65 -16.00
C ALA B 280 -4.74 9.87 -15.70
N THR B 281 -4.65 9.23 -14.52
CA THR B 281 -3.47 8.48 -14.23
C THR B 281 -3.51 7.17 -14.95
N LEU B 282 -4.70 6.62 -15.22
CA LEU B 282 -4.81 5.45 -16.14
C LEU B 282 -4.28 5.76 -17.56
N MET B 283 -4.64 6.92 -18.06
CA MET B 283 -4.07 7.37 -19.34
C MET B 283 -2.53 7.50 -19.27
N GLN B 284 -2.02 8.04 -18.14
CA GLN B 284 -0.59 8.12 -17.96
C GLN B 284 0.06 6.80 -18.01
N ASN B 285 -0.53 5.83 -17.29
CA ASN B 285 0.00 4.41 -17.29
C ASN B 285 -0.03 3.78 -18.68
N THR B 286 -1.01 4.13 -19.47
CA THR B 286 -1.13 3.65 -20.83
C THR B 286 0.04 4.17 -21.68
N ILE B 287 0.34 5.43 -21.51
CA ILE B 287 1.44 6.04 -22.25
C ILE B 287 2.75 5.52 -21.75
N GLU B 288 2.90 5.34 -20.45
CA GLU B 288 4.09 4.60 -19.93
C GLU B 288 4.25 3.21 -20.54
N ALA B 289 3.13 2.48 -20.67
CA ALA B 289 3.23 1.17 -21.23
C ALA B 289 3.65 1.23 -22.68
N ALA B 290 3.11 2.19 -23.41
CA ALA B 290 3.48 2.30 -24.80
C ALA B 290 4.92 2.75 -24.94
N ASP B 291 5.39 3.61 -24.06
CA ASP B 291 6.83 3.94 -24.10
C ASP B 291 7.75 2.75 -23.82
N ALA B 292 7.33 1.89 -22.90
CA ALA B 292 8.19 0.74 -22.57
C ALA B 292 8.18 -0.25 -23.71
N ALA B 293 7.07 -0.33 -24.44
CA ALA B 293 7.07 -1.19 -25.63
C ALA B 293 7.97 -0.72 -26.81
N LEU B 294 8.33 0.56 -26.93
CA LEU B 294 9.31 0.96 -27.98
C LEU B 294 10.69 0.22 -27.94
N ARG B 295 10.97 -0.42 -26.79
CA ARG B 295 12.16 -1.27 -26.53
C ARG B 295 11.97 -2.75 -27.01
#